data_8BZ2
#
_entry.id   8BZ2
#
_cell.length_a   118.710
_cell.length_b   118.710
_cell.length_c   47.240
_cell.angle_alpha   90.000
_cell.angle_beta   90.000
_cell.angle_gamma   120.000
#
_symmetry.space_group_name_H-M   'H 3'
#
loop_
_entity.id
_entity.type
_entity.pdbx_description
1 polymer 'S-layer homology domain-containing protein'
2 non-polymer 'SULFATE ION'
3 water water
#
_entity_poly.entity_id   1
_entity_poly.type   'polypeptide(L)'
_entity_poly.pdbx_seq_one_letter_code
;MAANPFSDVTPDSWAYQAVSQLAQAGIVNGYPDGTFKGQNNITRYEMAQMVAKAMANQDRANAEQQAMINRLADEFSNEL
NNLGVRVSLEHHHHHH
;
_entity_poly.pdbx_strand_id   A,B,C
#
# COMPACT_ATOMS: atom_id res chain seq x y z
N ALA A 3 -13.20 -13.42 -6.21
CA ALA A 3 -12.52 -12.37 -6.97
C ALA A 3 -11.08 -12.20 -6.48
N ASN A 4 -10.14 -12.08 -7.40
CA ASN A 4 -8.75 -11.84 -7.00
C ASN A 4 -8.65 -10.44 -6.40
N PRO A 5 -7.91 -10.26 -5.30
CA PRO A 5 -7.81 -8.92 -4.68
C PRO A 5 -7.21 -7.83 -5.57
N PHE A 6 -6.49 -8.19 -6.63
CA PHE A 6 -5.87 -7.20 -7.49
C PHE A 6 -6.48 -7.17 -8.87
N SER A 7 -7.61 -7.87 -9.05
CA SER A 7 -8.46 -7.63 -10.20
C SER A 7 -9.05 -6.21 -10.11
N ASP A 8 -9.73 -5.82 -11.16
CA ASP A 8 -10.13 -4.43 -11.32
C ASP A 8 -11.60 -4.24 -10.98
N VAL A 9 -11.91 -3.07 -10.39
CA VAL A 9 -13.26 -2.55 -10.25
C VAL A 9 -13.45 -1.46 -11.29
N THR A 10 -14.51 -1.53 -12.05
CA THR A 10 -14.66 -0.62 -13.16
C THR A 10 -15.55 0.58 -12.82
N PRO A 11 -15.49 1.66 -13.59
CA PRO A 11 -16.22 2.88 -13.23
C PRO A 11 -17.72 2.76 -13.23
N ASP A 12 -18.27 1.74 -13.89
CA ASP A 12 -19.71 1.57 -13.91
C ASP A 12 -20.26 0.96 -12.63
N SER A 13 -19.41 0.43 -11.77
CA SER A 13 -19.88 -0.29 -10.59
C SER A 13 -20.36 0.67 -9.53
N TRP A 14 -21.36 0.24 -8.76
CA TRP A 14 -21.86 1.08 -7.68
C TRP A 14 -20.72 1.51 -6.77
N ALA A 15 -19.83 0.58 -6.45
CA ALA A 15 -18.82 0.86 -5.43
C ALA A 15 -17.82 1.90 -5.89
N TYR A 16 -17.40 1.80 -7.16
CA TYR A 16 -16.54 2.83 -7.75
C TYR A 16 -17.16 4.22 -7.62
N GLN A 17 -18.44 4.35 -8.02
CA GLN A 17 -19.08 5.65 -7.97
C GLN A 17 -19.22 6.16 -6.52
N ALA A 18 -19.50 5.26 -5.58
CA ALA A 18 -19.68 5.63 -4.17
C ALA A 18 -18.38 6.14 -3.57
N VAL A 19 -17.27 5.42 -3.82
CA VAL A 19 -16.01 5.89 -3.25
C VAL A 19 -15.58 7.20 -3.91
N SER A 20 -15.83 7.36 -5.22
CA SER A 20 -15.58 8.65 -5.85
C SER A 20 -16.40 9.76 -5.20
N GLN A 21 -17.68 9.49 -4.89
CA GLN A 21 -18.49 10.53 -4.25
C GLN A 21 -17.96 10.84 -2.86
N LEU A 22 -17.52 9.81 -2.12
CA LEU A 22 -16.97 10.01 -0.78
C LEU A 22 -15.67 10.79 -0.84
N ALA A 23 -14.93 10.67 -1.94
CA ALA A 23 -13.72 11.47 -2.10
C ALA A 23 -14.07 12.94 -2.31
N GLN A 24 -15.09 13.20 -3.10
CA GLN A 24 -15.51 14.59 -3.32
C GLN A 24 -15.95 15.23 -2.02
N ALA A 25 -16.60 14.45 -1.17
CA ALA A 25 -17.08 14.95 0.11
C ALA A 25 -15.99 15.12 1.14
N GLY A 26 -14.80 14.55 0.90
CA GLY A 26 -13.72 14.64 1.85
C GLY A 26 -13.60 13.48 2.82
N ILE A 27 -14.50 12.49 2.74
CA ILE A 27 -14.51 11.38 3.67
C ILE A 27 -13.44 10.37 3.30
N VAL A 28 -13.24 10.17 1.99
CA VAL A 28 -12.13 9.40 1.46
C VAL A 28 -11.08 10.39 1.04
N ASN A 29 -9.94 10.39 1.73
CA ASN A 29 -8.91 11.37 1.41
C ASN A 29 -7.59 10.63 1.47
N GLY A 30 -6.56 11.25 0.92
CA GLY A 30 -5.25 10.63 1.02
C GLY A 30 -5.08 9.44 0.12
N TYR A 31 -5.81 9.38 -1.01
CA TYR A 31 -5.67 8.32 -1.98
C TYR A 31 -4.63 8.73 -3.02
N PRO A 32 -4.08 7.77 -3.75
CA PRO A 32 -3.17 8.11 -4.86
C PRO A 32 -3.77 9.16 -5.78
N ASP A 33 -2.99 10.21 -6.07
CA ASP A 33 -3.33 11.09 -7.18
C ASP A 33 -3.43 10.27 -8.46
N GLY A 34 -4.34 10.69 -9.33
CA GLY A 34 -4.69 9.92 -10.51
C GLY A 34 -5.92 9.05 -10.33
N THR A 35 -6.29 8.79 -9.08
CA THR A 35 -7.27 7.74 -8.82
C THR A 35 -8.60 8.02 -9.48
N PHE A 36 -9.11 9.24 -9.32
CA PHE A 36 -10.44 9.60 -9.81
C PHE A 36 -10.39 10.58 -10.97
N LYS A 37 -9.23 10.71 -11.62
CA LYS A 37 -9.06 11.54 -12.79
C LYS A 37 -9.43 10.69 -13.99
N GLY A 38 -10.46 11.11 -14.72
CA GLY A 38 -10.91 10.29 -15.82
C GLY A 38 -11.66 9.07 -15.37
N GLN A 39 -11.47 7.94 -16.06
CA GLN A 39 -12.31 6.77 -15.88
C GLN A 39 -11.51 5.49 -15.92
N ASN A 40 -10.46 5.44 -15.11
CA ASN A 40 -9.59 4.27 -15.05
C ASN A 40 -10.05 3.34 -13.94
N ASN A 41 -9.80 2.04 -14.14
CA ASN A 41 -10.11 1.07 -13.10
C ASN A 41 -9.29 1.29 -11.82
N ILE A 42 -9.82 0.77 -10.72
CA ILE A 42 -9.15 0.71 -9.42
C ILE A 42 -9.16 -0.73 -8.96
N THR A 43 -8.03 -1.22 -8.42
CA THR A 43 -8.01 -2.60 -7.95
C THR A 43 -8.91 -2.78 -6.72
N ARG A 44 -9.38 -4.01 -6.51
CA ARG A 44 -10.13 -4.26 -5.28
C ARG A 44 -9.31 -3.91 -4.06
N TYR A 45 -7.99 -4.19 -4.08
CA TYR A 45 -7.21 -3.95 -2.87
C TYR A 45 -7.13 -2.45 -2.55
N GLU A 46 -6.92 -1.61 -3.57
CA GLU A 46 -6.89 -0.16 -3.34
C GLU A 46 -8.26 0.37 -2.93
N MET A 47 -9.32 -0.16 -3.56
CA MET A 47 -10.67 0.27 -3.16
C MET A 47 -10.89 -0.05 -1.71
N ALA A 48 -10.45 -1.24 -1.28
CA ALA A 48 -10.62 -1.65 0.11
C ALA A 48 -9.88 -0.73 1.05
N GLN A 49 -8.69 -0.29 0.66
CA GLN A 49 -7.97 0.66 1.53
C GLN A 49 -8.74 1.96 1.66
N MET A 50 -9.37 2.41 0.56
CA MET A 50 -10.16 3.63 0.61
C MET A 50 -11.40 3.45 1.48
N VAL A 51 -12.04 2.27 1.37
CA VAL A 51 -13.20 1.96 2.22
C VAL A 51 -12.80 1.91 3.71
N ALA A 52 -11.69 1.23 4.02
CA ALA A 52 -11.23 1.18 5.43
C ALA A 52 -11.04 2.58 5.99
N LYS A 53 -10.44 3.45 5.19
CA LYS A 53 -10.24 4.84 5.56
C LYS A 53 -11.59 5.51 5.85
N ALA A 54 -12.54 5.34 4.94
CA ALA A 54 -13.86 5.93 5.18
C ALA A 54 -14.52 5.35 6.42
N MET A 55 -14.32 4.05 6.71
CA MET A 55 -14.91 3.51 7.93
C MET A 55 -14.24 4.09 9.16
N ALA A 56 -12.93 4.41 9.06
CA ALA A 56 -12.29 5.19 10.13
C ALA A 56 -12.88 6.61 10.22
N ASN A 57 -13.23 7.23 9.10
CA ASN A 57 -13.76 8.59 9.07
C ASN A 57 -15.26 8.67 9.11
N GLN A 58 -15.96 7.58 9.46
CA GLN A 58 -17.41 7.56 9.26
C GLN A 58 -18.14 8.57 10.15
N ASP A 59 -17.47 9.12 11.17
CA ASP A 59 -18.10 10.16 11.97
C ASP A 59 -18.36 11.42 11.16
N ARG A 60 -17.49 11.74 10.20
CA ARG A 60 -17.71 12.81 9.22
C ARG A 60 -18.92 12.59 8.32
N ALA A 61 -19.48 11.39 8.24
CA ALA A 61 -20.46 11.13 7.19
C ALA A 61 -21.86 11.52 7.65
N ASN A 62 -22.67 11.97 6.69
CA ASN A 62 -24.10 12.10 6.94
C ASN A 62 -24.76 10.71 6.87
N ALA A 63 -26.05 10.67 7.20
CA ALA A 63 -26.74 9.39 7.32
C ALA A 63 -26.64 8.57 6.05
N GLU A 64 -26.83 9.21 4.89
CA GLU A 64 -26.80 8.50 3.63
C GLU A 64 -25.40 8.01 3.31
N GLN A 65 -24.39 8.83 3.61
CA GLN A 65 -23.00 8.41 3.39
C GLN A 65 -22.62 7.26 4.33
N GLN A 66 -23.07 7.30 5.59
CA GLN A 66 -22.81 6.18 6.49
C GLN A 66 -23.42 4.88 5.95
N ALA A 67 -24.62 4.95 5.39
CA ALA A 67 -25.21 3.79 4.74
C ALA A 67 -24.35 3.31 3.56
N MET A 68 -23.85 4.23 2.75
CA MET A 68 -22.94 3.86 1.66
C MET A 68 -21.72 3.12 2.21
N ILE A 69 -21.12 3.65 3.25
CA ILE A 69 -19.89 3.05 3.79
C ILE A 69 -20.15 1.64 4.28
N ASN A 70 -21.29 1.45 4.97
CA ASN A 70 -21.66 0.11 5.45
C ASN A 70 -21.82 -0.85 4.30
N ARG A 71 -22.46 -0.41 3.20
CA ARG A 71 -22.57 -1.26 2.03
C ARG A 71 -21.20 -1.59 1.46
N LEU A 72 -20.30 -0.59 1.43
CA LEU A 72 -18.96 -0.83 0.89
C LEU A 72 -18.20 -1.84 1.75
N ALA A 73 -18.33 -1.76 3.07
CA ALA A 73 -17.57 -2.66 3.92
C ALA A 73 -18.03 -4.10 3.71
N ASP A 74 -19.31 -4.30 3.41
CA ASP A 74 -19.79 -5.61 2.98
C ASP A 74 -19.14 -6.04 1.68
N GLU A 75 -19.16 -5.16 0.67
CA GLU A 75 -18.74 -5.54 -0.67
C GLU A 75 -17.26 -5.89 -0.74
N PHE A 76 -16.46 -5.33 0.15
CA PHE A 76 -15.01 -5.58 0.16
C PHE A 76 -14.58 -6.31 1.42
N SER A 77 -15.50 -7.06 2.05
CA SER A 77 -15.21 -7.68 3.34
C SER A 77 -13.99 -8.59 3.26
N ASN A 78 -13.77 -9.25 2.12
CA ASN A 78 -12.65 -10.20 2.02
C ASN A 78 -11.30 -9.48 2.08
N GLU A 79 -11.15 -8.40 1.30
CA GLU A 79 -9.92 -7.64 1.31
C GLU A 79 -9.75 -6.87 2.60
N LEU A 80 -10.86 -6.34 3.15
CA LEU A 80 -10.80 -5.70 4.45
C LEU A 80 -10.32 -6.67 5.52
N ASN A 81 -10.77 -7.94 5.47
CA ASN A 81 -10.28 -8.94 6.43
CA ASN A 81 -10.29 -8.93 6.44
C ASN A 81 -8.80 -9.17 6.25
N ASN A 82 -8.34 -9.26 4.99
CA ASN A 82 -6.90 -9.40 4.75
C ASN A 82 -6.13 -8.23 5.33
N LEU A 83 -6.73 -7.04 5.28
CA LEU A 83 -6.04 -5.86 5.75
C LEU A 83 -6.09 -5.72 7.27
N GLY A 84 -6.83 -6.56 7.97
CA GLY A 84 -6.96 -6.43 9.41
C GLY A 84 -8.07 -5.53 9.87
N VAL A 85 -8.91 -5.05 8.96
CA VAL A 85 -10.06 -4.22 9.32
C VAL A 85 -11.24 -5.09 9.74
N ALA B 3 13.93 -12.92 3.30
CA ALA B 3 12.62 -13.27 3.80
C ALA B 3 11.80 -12.04 4.24
N ASN B 4 12.47 -10.94 4.56
CA ASN B 4 11.80 -9.80 5.20
C ASN B 4 10.96 -9.04 4.17
N PRO B 5 9.66 -8.84 4.39
CA PRO B 5 8.84 -8.22 3.33
C PRO B 5 9.11 -6.75 3.10
N PHE B 6 9.80 -6.05 4.02
CA PHE B 6 10.12 -4.65 3.77
C PHE B 6 11.62 -4.41 3.62
N SER B 7 12.38 -5.46 3.39
CA SER B 7 13.67 -5.28 2.77
C SER B 7 13.49 -4.88 1.32
N ASP B 8 14.60 -4.54 0.69
CA ASP B 8 14.60 -3.87 -0.60
C ASP B 8 14.92 -4.83 -1.74
N VAL B 9 14.44 -4.44 -2.91
CA VAL B 9 14.83 -5.04 -4.18
C VAL B 9 15.53 -3.94 -4.96
N THR B 10 16.70 -4.24 -5.51
CA THR B 10 17.56 -3.17 -6.02
C THR B 10 17.46 -3.02 -7.53
N PRO B 11 17.82 -1.86 -8.09
CA PRO B 11 17.62 -1.66 -9.54
C PRO B 11 18.44 -2.58 -10.39
N ASP B 12 19.58 -3.05 -9.88
CA ASP B 12 20.41 -3.98 -10.64
CA ASP B 12 20.40 -3.98 -10.65
C ASP B 12 19.87 -5.39 -10.65
N SER B 13 18.84 -5.70 -9.86
CA SER B 13 18.31 -7.05 -9.79
C SER B 13 17.42 -7.41 -10.98
N TRP B 14 17.37 -8.71 -11.29
CA TRP B 14 16.48 -9.20 -12.34
C TRP B 14 15.04 -8.77 -12.08
N ALA B 15 14.59 -8.87 -10.83
CA ALA B 15 13.17 -8.66 -10.56
C ALA B 15 12.78 -7.20 -10.74
N TYR B 16 13.61 -6.26 -10.25
CA TYR B 16 13.37 -4.85 -10.51
C TYR B 16 13.28 -4.59 -12.00
N GLN B 17 14.25 -5.09 -12.77
CA GLN B 17 14.21 -4.79 -14.20
C GLN B 17 13.00 -5.43 -14.87
N ALA B 18 12.57 -6.62 -14.40
CA ALA B 18 11.37 -7.25 -14.94
C ALA B 18 10.13 -6.40 -14.73
N VAL B 19 9.87 -5.99 -13.47
CA VAL B 19 8.67 -5.20 -13.21
C VAL B 19 8.74 -3.86 -13.93
N SER B 20 9.93 -3.27 -14.01
CA SER B 20 10.07 -2.00 -14.71
C SER B 20 9.74 -2.16 -16.18
N GLN B 21 10.12 -3.29 -16.75
CA GLN B 21 9.84 -3.45 -18.16
C GLN B 21 8.38 -3.78 -18.40
N LEU B 22 7.75 -4.46 -17.46
CA LEU B 22 6.31 -4.70 -17.55
C LEU B 22 5.54 -3.40 -17.33
N ALA B 23 6.09 -2.48 -16.57
CA ALA B 23 5.47 -1.17 -16.49
C ALA B 23 5.66 -0.42 -17.81
N GLN B 24 6.84 -0.53 -18.44
CA GLN B 24 6.99 0.06 -19.76
C GLN B 24 5.93 -0.47 -20.71
N ALA B 25 5.57 -1.72 -20.57
CA ALA B 25 4.61 -2.39 -21.45
C ALA B 25 3.16 -2.08 -21.13
N GLY B 26 2.89 -1.37 -20.04
CA GLY B 26 1.53 -1.11 -19.62
C GLY B 26 0.88 -2.27 -18.87
N ILE B 27 1.61 -3.36 -18.65
CA ILE B 27 1.01 -4.49 -17.95
C ILE B 27 1.02 -4.24 -16.45
N VAL B 28 2.09 -3.61 -15.98
CA VAL B 28 2.16 -3.03 -14.64
C VAL B 28 1.80 -1.55 -14.74
N ASN B 29 0.70 -1.18 -14.09
CA ASN B 29 0.18 0.19 -14.10
C ASN B 29 -0.52 0.40 -12.76
N GLY B 30 -0.70 1.64 -12.36
CA GLY B 30 -1.35 1.89 -11.09
C GLY B 30 -0.46 1.76 -9.87
N TYR B 31 0.84 1.87 -10.07
CA TYR B 31 1.79 1.80 -8.97
C TYR B 31 2.04 3.19 -8.44
N PRO B 32 2.53 3.31 -7.21
CA PRO B 32 2.67 4.64 -6.59
C PRO B 32 3.66 5.48 -7.36
N ASP B 33 3.34 6.77 -7.46
CA ASP B 33 4.10 7.66 -8.30
C ASP B 33 5.55 7.70 -7.79
N GLY B 34 6.51 7.62 -8.72
CA GLY B 34 7.92 7.64 -8.36
C GLY B 34 8.53 6.28 -8.08
N THR B 35 7.76 5.20 -8.28
CA THR B 35 8.27 3.87 -7.99
C THR B 35 9.54 3.57 -8.80
N PHE B 36 9.57 3.99 -10.06
CA PHE B 36 10.70 3.70 -10.94
C PHE B 36 11.61 4.92 -11.13
N LYS B 37 11.45 5.93 -10.27
CA LYS B 37 12.22 7.18 -10.38
C LYS B 37 13.65 6.97 -9.90
N GLY B 38 14.60 7.30 -10.76
CA GLY B 38 16.00 7.16 -10.42
C GLY B 38 16.31 5.72 -10.06
N GLN B 39 17.12 5.55 -9.02
CA GLN B 39 17.65 4.24 -8.65
C GLN B 39 17.13 3.78 -7.30
N ASN B 40 15.99 4.32 -6.87
CA ASN B 40 15.42 3.97 -5.58
C ASN B 40 15.02 2.50 -5.57
N ASN B 41 15.34 1.84 -4.46
CA ASN B 41 14.92 0.47 -4.24
C ASN B 41 13.39 0.39 -4.10
N ILE B 42 12.85 -0.81 -4.23
CA ILE B 42 11.42 -1.02 -4.01
C ILE B 42 11.30 -2.14 -2.98
N THR B 43 10.40 -1.96 -2.01
CA THR B 43 10.29 -3.04 -1.05
C THR B 43 9.70 -4.28 -1.71
N ARG B 44 9.97 -5.46 -1.12
CA ARG B 44 9.36 -6.68 -1.62
C ARG B 44 7.85 -6.60 -1.54
N TYR B 45 7.33 -6.00 -0.47
CA TYR B 45 5.88 -5.82 -0.35
C TYR B 45 5.30 -4.99 -1.49
N GLU B 46 5.92 -3.85 -1.81
CA GLU B 46 5.46 -3.08 -2.97
C GLU B 46 5.65 -3.84 -4.28
N MET B 47 6.78 -4.54 -4.43
CA MET B 47 6.96 -5.35 -5.63
C MET B 47 5.84 -6.36 -5.79
N ALA B 48 5.50 -7.05 -4.70
CA ALA B 48 4.46 -8.05 -4.74
C ALA B 48 3.12 -7.49 -5.18
N GLN B 49 2.78 -6.26 -4.76
CA GLN B 49 1.54 -5.66 -5.22
C GLN B 49 1.56 -5.45 -6.73
N MET B 50 2.73 -5.08 -7.26
CA MET B 50 2.81 -4.84 -8.69
C MET B 50 2.72 -6.16 -9.45
N VAL B 51 3.32 -7.21 -8.87
CA VAL B 51 3.29 -8.55 -9.44
C VAL B 51 1.86 -9.11 -9.41
N ALA B 52 1.16 -8.90 -8.31
CA ALA B 52 -0.22 -9.34 -8.24
C ALA B 52 -1.06 -8.65 -9.30
N LYS B 53 -0.79 -7.37 -9.55
CA LYS B 53 -1.62 -6.70 -10.53
C LYS B 53 -1.26 -7.21 -11.92
N ALA B 54 0.04 -7.45 -12.15
CA ALA B 54 0.44 -8.02 -13.44
C ALA B 54 -0.19 -9.40 -13.65
N MET B 55 -0.29 -10.21 -12.59
CA MET B 55 -0.92 -11.54 -12.68
C MET B 55 -2.38 -11.42 -13.06
N ALA B 56 -3.04 -10.34 -12.60
CA ALA B 56 -4.42 -10.09 -13.00
C ALA B 56 -4.52 -9.56 -14.44
N ASN B 57 -3.47 -8.93 -14.98
CA ASN B 57 -3.43 -8.45 -16.36
C ASN B 57 -2.61 -9.36 -17.25
N GLN B 58 -2.57 -10.63 -16.88
CA GLN B 58 -1.67 -11.63 -17.43
C GLN B 58 -2.04 -11.96 -18.87
N ASP B 59 -3.34 -12.08 -19.13
CA ASP B 59 -3.82 -12.51 -20.44
C ASP B 59 -3.46 -11.53 -21.55
N ARG B 60 -2.90 -10.38 -21.20
CA ARG B 60 -2.60 -9.38 -22.21
C ARG B 60 -1.11 -9.33 -22.48
N ALA B 61 -0.33 -10.21 -21.86
CA ALA B 61 1.12 -10.20 -21.97
C ALA B 61 1.55 -11.09 -23.13
N ASN B 62 2.71 -10.77 -23.71
CA ASN B 62 3.23 -11.73 -24.67
C ASN B 62 3.85 -12.90 -23.92
N ALA B 63 4.15 -13.99 -24.65
CA ALA B 63 4.65 -15.19 -23.99
C ALA B 63 5.89 -14.92 -23.14
N GLU B 64 6.76 -13.99 -23.57
CA GLU B 64 7.96 -13.74 -22.79
C GLU B 64 7.59 -13.02 -21.49
N GLN B 65 6.62 -12.09 -21.57
CA GLN B 65 6.16 -11.36 -20.38
C GLN B 65 5.42 -12.28 -19.40
N GLN B 66 4.57 -13.18 -19.93
CA GLN B 66 3.94 -14.18 -19.10
C GLN B 66 5.00 -15.00 -18.34
N ALA B 67 6.11 -15.33 -18.99
CA ALA B 67 7.19 -16.04 -18.32
C ALA B 67 7.80 -15.19 -17.21
N MET B 68 7.95 -13.89 -17.46
CA MET B 68 8.44 -13.00 -16.41
C MET B 68 7.48 -12.97 -15.23
N ILE B 69 6.17 -12.91 -15.51
CA ILE B 69 5.20 -12.85 -14.42
C ILE B 69 5.23 -14.15 -13.64
N ASN B 70 5.25 -15.28 -14.34
CA ASN B 70 5.35 -16.57 -13.65
C ASN B 70 6.54 -16.63 -12.71
N ARG B 71 7.70 -16.17 -13.17
CA ARG B 71 8.89 -16.24 -12.33
C ARG B 71 8.80 -15.25 -11.16
N LEU B 72 8.25 -14.07 -11.42
CA LEU B 72 8.09 -13.10 -10.35
C LEU B 72 7.15 -13.64 -9.30
N ALA B 73 6.09 -14.33 -9.72
CA ALA B 73 5.10 -14.83 -8.77
C ALA B 73 5.70 -15.86 -7.84
N ASP B 74 6.60 -16.68 -8.37
CA ASP B 74 7.35 -17.58 -7.49
C ASP B 74 8.25 -16.81 -6.55
N GLU B 75 8.92 -15.80 -7.07
CA GLU B 75 9.93 -15.14 -6.27
C GLU B 75 9.30 -14.43 -5.09
N PHE B 76 8.06 -13.93 -5.27
CA PHE B 76 7.36 -13.16 -4.25
C PHE B 76 6.20 -13.93 -3.64
N SER B 77 6.25 -15.26 -3.69
CA SER B 77 5.08 -16.02 -3.29
C SER B 77 4.70 -15.77 -1.84
N ASN B 78 5.67 -15.48 -0.98
CA ASN B 78 5.34 -15.31 0.44
C ASN B 78 4.57 -14.02 0.66
N GLU B 79 5.05 -12.93 0.07
CA GLU B 79 4.29 -11.69 0.15
C GLU B 79 2.96 -11.77 -0.60
N LEU B 80 2.94 -12.41 -1.77
CA LEU B 80 1.68 -12.61 -2.47
C LEU B 80 0.66 -13.38 -1.63
N ASN B 81 1.10 -14.44 -0.94
CA ASN B 81 0.18 -15.17 -0.07
CA ASN B 81 0.19 -15.17 -0.05
C ASN B 81 -0.35 -14.27 1.05
N ASN B 82 0.52 -13.42 1.60
CA ASN B 82 0.10 -12.44 2.59
C ASN B 82 -0.99 -11.53 2.09
N LEU B 83 -0.96 -11.21 0.80
CA LEU B 83 -1.92 -10.31 0.19
C LEU B 83 -3.20 -11.00 -0.23
N GLY B 84 -3.30 -12.32 -0.04
CA GLY B 84 -4.48 -13.05 -0.44
C GLY B 84 -4.48 -13.46 -1.89
N VAL B 85 -3.30 -13.61 -2.47
CA VAL B 85 -3.11 -14.04 -3.86
C VAL B 85 -2.56 -15.46 -3.91
N ASN C 4 -8.97 -0.03 13.74
CA ASN C 4 -8.81 0.01 12.29
C ASN C 4 -7.37 0.43 11.97
N PRO C 5 -6.67 -0.41 11.22
CA PRO C 5 -5.33 -0.02 10.74
C PRO C 5 -5.31 1.25 9.92
N PHE C 6 -6.47 1.72 9.46
CA PHE C 6 -6.53 2.92 8.64
C PHE C 6 -7.06 4.11 9.42
N SER C 7 -7.24 3.95 10.73
CA SER C 7 -7.35 5.06 11.66
C SER C 7 -6.03 5.84 11.69
N ASP C 8 -6.11 7.08 12.18
CA ASP C 8 -5.02 8.02 11.95
C ASP C 8 -4.05 8.13 13.12
N VAL C 9 -2.84 8.56 12.78
CA VAL C 9 -1.81 9.00 13.71
C VAL C 9 -1.51 10.48 13.44
N THR C 10 -1.58 11.31 14.48
CA THR C 10 -1.49 12.75 14.28
C THR C 10 -0.06 13.22 14.43
N PRO C 11 0.22 14.44 13.97
CA PRO C 11 1.59 14.96 14.08
C PRO C 11 2.00 15.25 15.50
N ASP C 12 1.07 15.28 16.44
CA ASP C 12 1.44 15.50 17.83
C ASP C 12 2.15 14.29 18.39
N SER C 13 1.98 13.14 17.75
CA SER C 13 2.21 11.86 18.39
C SER C 13 3.69 11.50 18.42
N TRP C 14 4.08 10.73 19.45
CA TRP C 14 5.49 10.36 19.50
C TRP C 14 5.86 9.57 18.25
N ALA C 15 4.96 8.71 17.80
CA ALA C 15 5.25 7.78 16.69
C ALA C 15 5.45 8.52 15.37
N TYR C 16 4.54 9.45 15.03
CA TYR C 16 4.74 10.30 13.86
C TYR C 16 6.10 10.98 13.88
N GLN C 17 6.46 11.57 15.03
CA GLN C 17 7.70 12.33 15.08
C GLN C 17 8.93 11.43 15.02
N ALA C 18 8.82 10.21 15.55
CA ALA C 18 9.93 9.27 15.54
C ALA C 18 10.24 8.80 14.13
N VAL C 19 9.21 8.46 13.38
CA VAL C 19 9.46 8.06 12.01
C VAL C 19 9.95 9.26 11.20
N SER C 20 9.35 10.44 11.44
CA SER C 20 9.94 11.68 10.94
C SER C 20 11.44 11.75 11.18
N GLN C 21 11.87 11.56 12.42
CA GLN C 21 13.29 11.69 12.77
C GLN C 21 14.12 10.65 12.06
N LEU C 22 13.63 9.39 12.04
CA LEU C 22 14.36 8.30 11.37
C LEU C 22 14.40 8.48 9.86
N ALA C 23 13.36 9.07 9.26
CA ALA C 23 13.45 9.37 7.84
C ALA C 23 14.52 10.43 7.58
N GLN C 24 14.54 11.47 8.40
CA GLN C 24 15.57 12.49 8.28
C GLN C 24 16.97 11.87 8.40
N ALA C 25 17.12 10.90 9.29
CA ALA C 25 18.34 10.13 9.47
C ALA C 25 18.61 9.16 8.32
N GLY C 26 17.69 9.03 7.37
CA GLY C 26 17.88 8.10 6.28
C GLY C 26 17.55 6.67 6.58
N ILE C 27 17.15 6.34 7.82
CA ILE C 27 16.77 4.97 8.13
C ILE C 27 15.41 4.60 7.52
N VAL C 28 14.51 5.57 7.37
CA VAL C 28 13.22 5.36 6.70
C VAL C 28 13.27 6.07 5.36
N ASN C 29 12.88 5.35 4.29
CA ASN C 29 12.87 5.86 2.93
C ASN C 29 11.73 5.22 2.16
N GLY C 30 11.46 5.75 0.97
CA GLY C 30 10.55 5.07 0.08
C GLY C 30 9.10 5.24 0.41
N TYR C 31 8.74 6.31 1.13
CA TYR C 31 7.36 6.61 1.47
C TYR C 31 6.78 7.63 0.49
N PRO C 32 5.45 7.71 0.37
CA PRO C 32 4.83 8.72 -0.51
C PRO C 32 5.31 10.14 -0.25
N ASP C 33 5.17 11.02 -1.24
CA ASP C 33 5.89 12.29 -1.16
C ASP C 33 5.22 13.25 -0.18
N GLY C 34 3.89 13.25 -0.13
CA GLY C 34 3.23 14.15 0.78
C GLY C 34 3.12 13.67 2.20
N THR C 35 3.82 12.57 2.52
CA THR C 35 3.65 11.92 3.82
C THR C 35 3.80 12.91 4.97
N PHE C 36 4.95 13.58 5.04
CA PHE C 36 5.30 14.39 6.20
C PHE C 36 5.02 15.87 6.00
N LYS C 37 4.24 16.23 5.00
CA LYS C 37 4.09 17.65 4.80
C LYS C 37 2.62 18.03 4.95
N GLY C 38 2.40 19.30 5.31
CA GLY C 38 1.06 19.80 5.48
C GLY C 38 0.38 19.41 6.77
N GLN C 39 1.13 18.85 7.73
CA GLN C 39 0.59 18.50 9.06
C GLN C 39 -0.58 17.53 8.94
N ASN C 40 -0.59 16.73 7.88
CA ASN C 40 -1.59 15.71 7.68
C ASN C 40 -1.36 14.50 8.59
N ASN C 41 -2.45 13.85 8.98
CA ASN C 41 -2.31 12.57 9.67
C ASN C 41 -1.72 11.52 8.74
N ILE C 42 -1.23 10.42 9.34
CA ILE C 42 -0.76 9.23 8.63
C ILE C 42 -1.57 8.06 9.14
N THR C 43 -1.93 7.15 8.25
CA THR C 43 -2.67 6.01 8.76
C THR C 43 -1.75 5.07 9.50
N ARG C 44 -2.34 4.28 10.39
CA ARG C 44 -1.52 3.28 11.07
C ARG C 44 -0.90 2.31 10.06
N TYR C 45 -1.59 2.06 8.92
CA TYR C 45 -1.11 1.18 7.86
C TYR C 45 0.15 1.71 7.21
N GLU C 46 0.16 2.99 6.81
CA GLU C 46 1.37 3.56 6.23
C GLU C 46 2.47 3.72 7.28
N MET C 47 2.12 4.06 8.52
CA MET C 47 3.12 4.10 9.59
C MET C 47 3.82 2.77 9.72
N ALA C 48 3.05 1.69 9.73
CA ALA C 48 3.64 0.37 9.94
C ALA C 48 4.57 0.00 8.79
N GLN C 49 4.20 0.34 7.57
CA GLN C 49 5.15 0.07 6.48
C GLN C 49 6.47 0.79 6.68
N MET C 50 6.43 2.08 7.12
CA MET C 50 7.67 2.79 7.36
C MET C 50 8.44 2.18 8.52
N VAL C 51 7.73 1.81 9.59
CA VAL C 51 8.39 1.13 10.72
C VAL C 51 9.05 -0.16 10.26
N ALA C 52 8.40 -0.93 9.37
CA ALA C 52 8.96 -2.19 8.91
C ALA C 52 10.23 -1.98 8.10
N LYS C 53 10.28 -0.90 7.28
CA LYS C 53 11.58 -0.53 6.68
C LYS C 53 12.59 -0.15 7.73
N ALA C 54 12.18 0.61 8.75
CA ALA C 54 13.13 0.94 9.80
C ALA C 54 13.71 -0.32 10.43
N MET C 55 12.86 -1.34 10.71
CA MET C 55 13.41 -2.59 11.22
C MET C 55 14.31 -3.29 10.22
N ALA C 56 13.91 -3.32 8.94
CA ALA C 56 14.76 -3.92 7.92
C ALA C 56 16.14 -3.23 7.85
N ASN C 57 16.22 -1.96 8.25
CA ASN C 57 17.45 -1.17 8.25
C ASN C 57 18.02 -0.92 9.63
N GLN C 58 17.65 -1.75 10.61
CA GLN C 58 17.96 -1.38 11.98
C GLN C 58 19.47 -1.38 12.26
N ASP C 59 20.26 -2.10 11.46
CA ASP C 59 21.71 -2.04 11.64
C ASP C 59 22.30 -0.70 11.26
N ARG C 60 21.53 0.21 10.68
CA ARG C 60 21.97 1.59 10.47
C ARG C 60 21.89 2.43 11.73
N ALA C 61 21.05 2.05 12.68
CA ALA C 61 20.69 2.90 13.80
C ALA C 61 21.69 2.80 14.94
N ASN C 62 21.78 3.87 15.75
CA ASN C 62 22.59 3.85 16.94
C ASN C 62 21.72 3.39 18.10
N ALA C 63 22.24 3.49 19.33
CA ALA C 63 21.50 2.91 20.46
C ALA C 63 20.14 3.58 20.64
N GLU C 64 20.09 4.92 20.55
CA GLU C 64 18.77 5.46 20.86
C GLU C 64 17.83 5.33 19.67
N GLN C 65 18.37 5.36 18.45
CA GLN C 65 17.52 5.14 17.29
C GLN C 65 16.99 3.72 17.30
N GLN C 66 17.83 2.76 17.69
CA GLN C 66 17.34 1.41 17.89
C GLN C 66 16.21 1.42 18.91
N ALA C 67 16.36 2.21 19.99
CA ALA C 67 15.32 2.24 21.00
C ALA C 67 14.04 2.81 20.42
N MET C 68 14.16 3.78 19.52
CA MET C 68 13.00 4.30 18.81
C MET C 68 12.37 3.21 17.95
N ILE C 69 13.20 2.46 17.21
CA ILE C 69 12.66 1.39 16.35
C ILE C 69 11.93 0.35 17.19
N ASN C 70 12.56 -0.05 18.32
CA ASN C 70 11.94 -1.05 19.19
C ASN C 70 10.60 -0.59 19.71
N ARG C 71 10.50 0.70 20.04
CA ARG C 71 9.24 1.20 20.57
C ARG C 71 8.19 1.25 19.47
N LEU C 72 8.61 1.63 18.26
CA LEU C 72 7.68 1.67 17.13
C LEU C 72 7.19 0.28 16.77
N ALA C 73 8.09 -0.70 16.79
CA ALA C 73 7.72 -2.06 16.47
C ALA C 73 6.66 -2.59 17.44
N ASP C 74 6.76 -2.19 18.72
CA ASP C 74 5.73 -2.62 19.67
C ASP C 74 4.41 -1.94 19.37
N GLU C 75 4.46 -0.60 19.16
CA GLU C 75 3.28 0.24 18.97
C GLU C 75 2.48 -0.22 17.79
N PHE C 76 3.17 -0.60 16.71
CA PHE C 76 2.48 -1.00 15.51
C PHE C 76 2.48 -2.52 15.33
N SER C 77 2.61 -3.28 16.42
CA SER C 77 2.75 -4.73 16.30
C SER C 77 1.58 -5.39 15.55
N ASN C 78 0.34 -4.96 15.80
CA ASN C 78 -0.77 -5.63 15.12
C ASN C 78 -0.68 -5.43 13.60
N GLU C 79 -0.43 -4.19 13.17
CA GLU C 79 -0.34 -3.88 11.74
C GLU C 79 0.86 -4.58 11.13
N LEU C 80 1.98 -4.60 11.86
CA LEU C 80 3.18 -5.27 11.35
C LEU C 80 2.91 -6.75 11.19
N ASN C 81 2.17 -7.35 12.13
CA ASN C 81 1.83 -8.76 11.98
C ASN C 81 1.00 -8.99 10.72
N ASN C 82 0.02 -8.12 10.48
CA ASN C 82 -0.84 -8.25 9.31
C ASN C 82 -0.06 -8.10 8.04
N LEU C 83 1.01 -7.34 8.07
CA LEU C 83 1.90 -7.17 6.93
C LEU C 83 2.91 -8.30 6.78
N GLY C 84 2.84 -9.33 7.64
CA GLY C 84 3.79 -10.42 7.54
C GLY C 84 5.13 -10.19 8.20
N VAL C 85 5.29 -9.12 8.96
CA VAL C 85 6.58 -8.78 9.57
C VAL C 85 6.76 -9.49 10.92
#